data_6RZY
#
_entry.id   6RZY
#
_cell.length_a   25.828
_cell.length_b   54.925
_cell.length_c   51.441
_cell.angle_alpha   90.00
_cell.angle_beta   98.23
_cell.angle_gamma   90.00
#
_symmetry.space_group_name_H-M   'P 1 21 1'
#
loop_
_entity.id
_entity.type
_entity.pdbx_description
1 polymer 'Heat shock protein 40, type II'
2 water water
#
_entity_poly.entity_id   1
_entity_poly.type   'polypeptide(L)'
_entity_poly.pdbx_seq_one_letter_code
;GPMDYYTLLGVDKGCSEDDLRRAYLKLAMKWHPDKHVNKGSKVEAEEKFKNICEAYSVLSDNEKRVKYDL
;
_entity_poly.pdbx_strand_id   A,B
#
# COMPACT_ATOMS: atom_id res chain seq x y z
N GLY A 1 -24.68 -3.11 5.98
CA GLY A 1 -23.64 -2.83 4.97
C GLY A 1 -22.26 -3.29 5.37
N PRO A 2 -21.33 -3.25 4.43
CA PRO A 2 -19.98 -3.75 4.69
C PRO A 2 -19.14 -2.76 5.49
N MET A 3 -18.22 -3.31 6.26
CA MET A 3 -17.15 -2.48 6.78
C MET A 3 -16.40 -1.89 5.59
N ASP A 4 -15.89 -0.68 5.77
CA ASP A 4 -15.40 0.06 4.61
C ASP A 4 -14.37 -0.73 3.81
N TYR A 5 -14.58 -0.78 2.49
CA TYR A 5 -13.71 -1.54 1.61
C TYR A 5 -12.30 -0.94 1.54
N TYR A 6 -12.18 0.38 1.52
CA TYR A 6 -10.85 0.97 1.40
C TYR A 6 -10.02 0.63 2.63
N THR A 7 -10.59 0.85 3.81
CA THR A 7 -9.89 0.58 5.05
C THR A 7 -9.49 -0.88 5.14
N LEU A 8 -10.37 -1.79 4.70
CA LEU A 8 -10.06 -3.21 4.75
C LEU A 8 -8.82 -3.52 3.94
N LEU A 9 -8.69 -2.92 2.76
CA LEU A 9 -7.55 -3.15 1.89
C LEU A 9 -6.35 -2.29 2.27
N GLY A 10 -6.48 -1.40 3.24
CA GLY A 10 -5.35 -0.58 3.66
C GLY A 10 -4.99 0.52 2.70
N VAL A 11 -5.95 0.97 1.89
CA VAL A 11 -5.72 2.00 0.90
C VAL A 11 -6.60 3.19 1.22
N ASP A 12 -6.23 4.31 0.61
CA ASP A 12 -6.97 5.55 0.70
C ASP A 12 -7.96 5.66 -0.44
N LYS A 13 -8.99 6.48 -0.23
CA LYS A 13 -10.11 6.54 -1.15
C LYS A 13 -9.72 6.98 -2.56
N GLY A 14 -8.62 7.72 -2.71
CA GLY A 14 -8.22 8.17 -4.04
C GLY A 14 -7.18 7.33 -4.75
N CYS A 15 -6.98 6.11 -4.29
CA CYS A 15 -5.94 5.28 -4.87
C CYS A 15 -6.31 4.82 -6.28
N SER A 16 -5.31 4.34 -7.00
CA SER A 16 -5.50 3.88 -8.36
C SER A 16 -5.92 2.41 -8.41
N GLU A 17 -6.36 1.97 -9.59
CA GLU A 17 -6.71 0.57 -9.75
C GLU A 17 -5.51 -0.35 -9.50
N ASP A 18 -4.29 0.11 -9.82
CA ASP A 18 -3.11 -0.72 -9.58
C ASP A 18 -2.78 -0.77 -8.09
N ASP A 19 -3.01 0.34 -7.38
CA ASP A 19 -2.89 0.33 -5.91
C ASP A 19 -3.86 -0.69 -5.31
N LEU A 20 -5.10 -0.72 -5.81
CA LEU A 20 -6.10 -1.66 -5.31
C LEU A 20 -5.65 -3.09 -5.55
N ARG A 21 -5.10 -3.36 -6.73
CA ARG A 21 -4.65 -4.72 -7.03
C ARG A 21 -3.49 -5.11 -6.12
N ARG A 22 -2.53 -4.22 -5.89
CA ARG A 22 -1.39 -4.54 -5.03
C ARG A 22 -1.86 -4.85 -3.61
N ALA A 23 -2.82 -4.08 -3.10
CA ALA A 23 -3.33 -4.29 -1.76
C ALA A 23 -4.12 -5.59 -1.68
N TYR A 24 -4.96 -5.87 -2.69
CA TYR A 24 -5.69 -7.12 -2.77
C TYR A 24 -4.75 -8.31 -2.75
N LEU A 25 -3.69 -8.27 -3.55
CA LEU A 25 -2.78 -9.41 -3.61
C LEU A 25 -2.11 -9.64 -2.26
N LYS A 26 -1.66 -8.56 -1.61
CA LYS A 26 -0.98 -8.69 -0.33
C LYS A 26 -1.89 -9.30 0.72
N LEU A 27 -3.11 -8.80 0.81
CA LEU A 27 -4.01 -9.24 1.87
C LEU A 27 -4.64 -10.59 1.54
N ALA A 28 -4.97 -10.84 0.27
CA ALA A 28 -5.49 -12.14 -0.11
C ALA A 28 -4.46 -13.23 0.14
N MET A 29 -3.17 -12.94 -0.07
CA MET A 29 -2.13 -13.93 0.23
C MET A 29 -2.03 -14.17 1.73
N LYS A 30 -2.22 -13.13 2.56
CA LYS A 30 -2.17 -13.32 4.01
C LYS A 30 -3.24 -14.28 4.48
N TRP A 31 -4.44 -14.21 3.88
CA TRP A 31 -5.60 -14.96 4.33
C TRP A 31 -5.95 -16.07 3.36
N HIS A 32 -5.02 -16.48 2.53
CA HIS A 32 -5.34 -17.41 1.48
C HIS A 32 -5.77 -18.76 2.05
N PRO A 33 -6.81 -19.37 1.48
CA PRO A 33 -7.26 -20.65 2.03
C PRO A 33 -6.19 -21.71 2.04
N ASP A 34 -5.24 -21.68 1.11
CA ASP A 34 -4.19 -22.70 1.09
C ASP A 34 -3.19 -22.58 2.22
N LYS A 35 -3.19 -21.45 2.94
CA LYS A 35 -2.37 -21.29 4.12
C LYS A 35 -3.08 -21.72 5.39
N HIS A 36 -4.42 -21.71 5.41
CA HIS A 36 -5.18 -21.82 6.64
C HIS A 36 -6.01 -23.10 6.73
N VAL A 37 -5.98 -23.93 5.69
CA VAL A 37 -6.91 -25.06 5.57
C VAL A 37 -6.81 -26.04 6.74
N ASN A 38 -5.64 -26.19 7.34
CA ASN A 38 -5.44 -27.13 8.43
C ASN A 38 -5.18 -26.42 9.76
N LYS A 39 -5.49 -25.13 9.85
CA LYS A 39 -5.27 -24.36 11.07
C LYS A 39 -6.59 -23.93 11.67
N GLY A 40 -6.56 -23.56 12.96
CA GLY A 40 -7.71 -22.99 13.63
C GLY A 40 -8.14 -21.64 13.09
N SER A 41 -7.25 -20.99 12.34
CA SER A 41 -7.58 -19.76 11.66
C SER A 41 -8.36 -19.97 10.36
N LYS A 42 -8.75 -21.19 10.03
CA LYS A 42 -9.50 -21.41 8.79
C LYS A 42 -10.73 -20.50 8.71
N VAL A 43 -11.53 -20.44 9.77
CA VAL A 43 -12.77 -19.65 9.74
C VAL A 43 -12.48 -18.16 9.63
N GLU A 44 -11.57 -17.66 10.48
CA GLU A 44 -11.17 -16.25 10.40
C GLU A 44 -10.73 -15.90 9.00
N ALA A 45 -9.86 -16.73 8.44
CA ALA A 45 -9.30 -16.43 7.13
C ALA A 45 -10.36 -16.52 6.05
N GLU A 46 -11.27 -17.50 6.14
CA GLU A 46 -12.33 -17.60 5.14
C GLU A 46 -13.12 -16.30 5.09
N GLU A 47 -13.49 -15.78 6.26
CA GLU A 47 -14.25 -14.53 6.29
C GLU A 47 -13.43 -13.35 5.77
N LYS A 48 -12.18 -13.26 6.19
CA LYS A 48 -11.36 -12.14 5.74
C LYS A 48 -11.08 -12.22 4.26
N PHE A 49 -10.71 -13.40 3.75
CA PHE A 49 -10.51 -13.59 2.32
C PHE A 49 -11.76 -13.22 1.52
N LYS A 50 -12.93 -13.67 1.98
CA LYS A 50 -14.17 -13.31 1.30
C LYS A 50 -14.35 -11.80 1.25
N ASN A 51 -14.13 -11.15 2.38
CA ASN A 51 -14.36 -9.71 2.40
C ASN A 51 -13.34 -8.96 1.56
N ILE A 52 -12.10 -9.43 1.52
CA ILE A 52 -11.08 -8.83 0.68
C ILE A 52 -11.46 -8.96 -0.79
N CYS A 53 -11.92 -10.16 -1.18
CA CYS A 53 -12.33 -10.34 -2.58
C CYS A 53 -13.53 -9.47 -2.91
N GLU A 54 -14.46 -9.34 -1.98
CA GLU A 54 -15.64 -8.50 -2.22
C GLU A 54 -15.23 -7.04 -2.37
N ALA A 55 -14.34 -6.57 -1.49
CA ALA A 55 -13.87 -5.19 -1.57
C ALA A 55 -13.19 -4.93 -2.90
N TYR A 56 -12.31 -5.84 -3.32
CA TYR A 56 -11.63 -5.65 -4.59
C TYR A 56 -12.62 -5.72 -5.77
N SER A 57 -13.63 -6.59 -5.68
CA SER A 57 -14.56 -6.77 -6.79
C SER A 57 -15.37 -5.50 -7.04
N VAL A 58 -15.66 -4.77 -5.96
CA VAL A 58 -16.42 -3.53 -6.08
C VAL A 58 -15.49 -2.40 -6.48
N LEU A 59 -14.39 -2.22 -5.76
CA LEU A 59 -13.55 -1.05 -5.99
C LEU A 59 -12.77 -1.13 -7.30
N SER A 60 -12.49 -2.33 -7.80
CA SER A 60 -11.76 -2.43 -9.06
C SER A 60 -12.63 -2.13 -10.27
N ASP A 61 -13.94 -2.05 -10.10
CA ASP A 61 -14.89 -1.78 -11.18
C ASP A 61 -15.19 -0.30 -11.14
N ASN A 62 -14.88 0.41 -12.23
CA ASN A 62 -14.90 1.87 -12.16
C ASN A 62 -16.28 2.39 -11.79
N GLU A 63 -17.34 1.81 -12.33
CA GLU A 63 -18.67 2.33 -12.06
C GLU A 63 -19.13 1.93 -10.67
N LYS A 64 -18.88 0.68 -10.25
CA LYS A 64 -19.28 0.27 -8.92
C LYS A 64 -18.50 1.04 -7.86
N ARG A 65 -17.26 1.41 -8.14
CA ARG A 65 -16.48 2.18 -7.19
C ARG A 65 -17.10 3.55 -6.98
N VAL A 66 -17.47 4.23 -8.05
CA VAL A 66 -18.05 5.56 -7.91
C VAL A 66 -19.37 5.49 -7.18
N LYS A 67 -20.13 4.42 -7.39
CA LYS A 67 -21.39 4.27 -6.69
C LYS A 67 -21.15 4.04 -5.19
N TYR A 68 -20.18 3.21 -4.85
CA TYR A 68 -19.78 3.01 -3.46
C TYR A 68 -19.36 4.32 -2.81
N ASP A 69 -18.65 5.18 -3.56
CA ASP A 69 -18.16 6.43 -2.99
C ASP A 69 -19.27 7.44 -2.70
N LEU A 70 -20.45 7.30 -3.31
CA LEU A 70 -21.58 8.20 -3.08
C LEU A 70 -22.13 8.12 -1.65
N GLY B 1 24.78 -0.15 0.85
CA GLY B 1 23.70 0.35 -0.06
C GLY B 1 22.35 0.37 0.66
N PRO B 2 21.31 0.87 0.01
CA PRO B 2 20.03 1.09 0.69
C PRO B 2 19.18 -0.17 0.77
N MET B 3 18.33 -0.22 1.80
CA MET B 3 17.22 -1.16 1.78
C MET B 3 16.34 -0.86 0.57
N ASP B 4 15.76 -1.90 -0.02
CA ASP B 4 15.09 -1.75 -1.31
C ASP B 4 14.11 -0.59 -1.32
N TYR B 5 14.26 0.27 -2.31
CA TYR B 5 13.44 1.46 -2.42
C TYR B 5 11.97 1.14 -2.71
N TYR B 6 11.70 0.15 -3.57
CA TYR B 6 10.31 -0.18 -3.87
C TYR B 6 9.60 -0.72 -2.63
N THR B 7 10.25 -1.64 -1.90
CA THR B 7 9.65 -2.20 -0.71
C THR B 7 9.38 -1.11 0.32
N LEU B 8 10.32 -0.18 0.45
CA LEU B 8 10.15 0.90 1.42
C LEU B 8 8.91 1.72 1.12
N LEU B 9 8.66 1.98 -0.16
CA LEU B 9 7.49 2.74 -0.57
C LEU B 9 6.22 1.90 -0.68
N GLY B 10 6.33 0.60 -0.51
CA GLY B 10 5.16 -0.26 -0.56
C GLY B 10 4.65 -0.56 -1.94
N VAL B 11 5.50 -0.48 -2.96
CA VAL B 11 5.09 -0.69 -4.34
C VAL B 11 5.93 -1.80 -4.94
N ASP B 12 5.52 -2.20 -6.14
CA ASP B 12 6.21 -3.22 -6.90
C ASP B 12 7.18 -2.58 -7.88
N LYS B 13 8.12 -3.40 -8.36
CA LYS B 13 9.15 -2.93 -9.27
C LYS B 13 8.57 -2.28 -10.51
N GLY B 14 7.39 -2.73 -10.97
CA GLY B 14 6.79 -2.17 -12.15
C GLY B 14 5.83 -1.02 -11.94
N CYS B 15 5.87 -0.42 -10.74
CA CYS B 15 4.94 0.63 -10.33
C CYS B 15 4.87 1.73 -11.38
N SER B 16 3.68 2.26 -11.63
CA SER B 16 3.56 3.43 -12.49
C SER B 16 4.09 4.69 -11.79
N GLU B 17 4.41 5.71 -12.58
CA GLU B 17 4.94 6.95 -11.99
C GLU B 17 3.93 7.59 -11.04
N ASP B 18 2.64 7.56 -11.40
CA ASP B 18 1.66 8.19 -10.53
C ASP B 18 1.47 7.40 -9.25
N ASP B 19 1.56 6.07 -9.31
CA ASP B 19 1.48 5.30 -8.08
C ASP B 19 2.69 5.54 -7.20
N LEU B 20 3.87 5.70 -7.81
CA LEU B 20 5.06 6.02 -7.04
C LEU B 20 4.89 7.31 -6.25
N ARG B 21 4.35 8.34 -6.89
CA ARG B 21 4.18 9.61 -6.21
C ARG B 21 3.17 9.48 -5.08
N ARG B 22 2.08 8.75 -5.32
CA ARG B 22 1.08 8.57 -4.28
C ARG B 22 1.68 7.85 -3.09
N ALA B 23 2.52 6.85 -3.36
CA ALA B 23 3.14 6.09 -2.28
C ALA B 23 4.09 6.96 -1.48
N TYR B 24 4.93 7.74 -2.17
CA TYR B 24 5.79 8.71 -1.50
C TYR B 24 4.99 9.63 -0.60
N LEU B 25 3.91 10.21 -1.11
CA LEU B 25 3.12 11.14 -0.32
C LEU B 25 2.54 10.46 0.91
N LYS B 26 2.05 9.23 0.75
CA LYS B 26 1.45 8.51 1.86
C LYS B 26 2.45 8.28 2.96
N LEU B 27 3.64 7.80 2.60
CA LEU B 27 4.63 7.50 3.61
C LEU B 27 5.27 8.77 4.17
N ALA B 28 5.48 9.77 3.33
CA ALA B 28 6.06 11.00 3.85
C ALA B 28 5.12 11.65 4.85
N MET B 29 3.80 11.52 4.64
CA MET B 29 2.86 12.09 5.60
C MET B 29 2.86 11.32 6.91
N LYS B 30 3.08 10.01 6.86
CA LYS B 30 3.14 9.24 8.11
C LYS B 30 4.28 9.72 9.00
N TRP B 31 5.41 10.07 8.38
CA TRP B 31 6.64 10.40 9.08
C TRP B 31 6.92 11.89 8.98
N HIS B 32 5.90 12.68 8.67
CA HIS B 32 6.10 14.09 8.43
C HIS B 32 6.58 14.79 9.70
N PRO B 33 7.54 15.70 9.61
CA PRO B 33 8.03 16.34 10.85
C PRO B 33 6.96 17.10 11.63
N ASP B 34 5.91 17.60 10.96
CA ASP B 34 4.86 18.32 11.69
C ASP B 34 3.99 17.40 12.54
N LYS B 35 4.10 16.08 12.34
CA LYS B 35 3.43 15.13 13.22
C LYS B 35 4.29 14.69 14.39
N HIS B 36 5.61 14.77 14.27
CA HIS B 36 6.51 14.17 15.26
C HIS B 36 7.34 15.17 16.04
N VAL B 37 7.21 16.47 15.77
CA VAL B 37 8.05 17.51 16.34
C VAL B 37 8.10 17.49 17.87
N ASN B 38 7.00 17.11 18.52
CA ASN B 38 6.93 17.14 19.97
C ASN B 38 6.87 15.75 20.58
N LYS B 39 7.16 14.74 19.79
CA LYS B 39 7.11 13.36 20.24
C LYS B 39 8.51 12.81 20.35
N GLY B 40 8.66 11.77 21.16
CA GLY B 40 9.92 11.07 21.21
C GLY B 40 10.33 10.43 19.90
N SER B 41 9.40 10.29 18.95
CA SER B 41 9.68 9.74 17.64
C SER B 41 10.20 10.77 16.66
N LYS B 42 10.49 11.99 17.11
CA LYS B 42 11.01 13.03 16.21
C LYS B 42 12.21 12.54 15.41
N VAL B 43 13.23 11.99 16.09
CA VAL B 43 14.45 11.59 15.39
C VAL B 43 14.20 10.37 14.49
N GLU B 44 13.46 9.37 14.99
CA GLU B 44 13.08 8.22 14.18
C GLU B 44 12.38 8.66 12.90
N ALA B 45 11.42 9.58 13.02
CA ALA B 45 10.69 10.06 11.87
C ALA B 45 11.60 10.82 10.92
N GLU B 46 12.53 11.62 11.44
CA GLU B 46 13.43 12.35 10.56
C GLU B 46 14.20 11.40 9.67
N GLU B 47 14.71 10.31 10.26
CA GLU B 47 15.44 9.32 9.48
C GLU B 47 14.54 8.62 8.46
N LYS B 48 13.35 8.20 8.88
CA LYS B 48 12.46 7.53 7.94
C LYS B 48 12.03 8.48 6.83
N PHE B 49 11.71 9.72 7.19
CA PHE B 49 11.37 10.72 6.17
C PHE B 49 12.51 10.90 5.17
N LYS B 50 13.75 10.99 5.64
CA LYS B 50 14.89 11.09 4.74
C LYS B 50 14.98 9.88 3.82
N ASN B 51 14.78 8.68 4.35
CA ASN B 51 14.90 7.50 3.49
C ASN B 51 13.79 7.43 2.44
N ILE B 52 12.58 7.85 2.80
CA ILE B 52 11.47 7.91 1.86
C ILE B 52 11.76 8.92 0.75
N CYS B 53 12.30 10.09 1.13
CA CYS B 53 12.65 11.07 0.11
C CYS B 53 13.74 10.54 -0.80
N GLU B 54 14.73 9.82 -0.25
CA GLU B 54 15.80 9.27 -1.07
C GLU B 54 15.23 8.28 -2.07
N ALA B 55 14.39 7.36 -1.59
CA ALA B 55 13.79 6.36 -2.46
C ALA B 55 13.02 7.02 -3.59
N TYR B 56 12.20 8.02 -3.27
CA TYR B 56 11.43 8.70 -4.32
C TYR B 56 12.33 9.47 -5.27
N SER B 57 13.40 10.08 -4.76
CA SER B 57 14.28 10.83 -5.64
C SER B 57 14.91 9.93 -6.69
N VAL B 58 15.23 8.69 -6.35
CA VAL B 58 15.81 7.78 -7.33
C VAL B 58 14.75 7.22 -8.26
N LEU B 59 13.66 6.68 -7.69
CA LEU B 59 12.71 5.96 -8.52
C LEU B 59 11.91 6.91 -9.41
N SER B 60 11.78 8.18 -9.03
CA SER B 60 11.00 9.10 -9.83
C SER B 60 11.75 9.62 -11.05
N ASP B 61 13.04 9.42 -11.13
CA ASP B 61 13.84 9.86 -12.27
C ASP B 61 13.96 8.64 -13.18
N ASN B 62 13.45 8.72 -14.40
CA ASN B 62 13.35 7.53 -15.22
C ASN B 62 14.71 6.87 -15.39
N GLU B 63 15.77 7.66 -15.60
CA GLU B 63 17.07 7.07 -15.86
C GLU B 63 17.67 6.50 -14.59
N LYS B 64 17.60 7.23 -13.48
CA LYS B 64 18.11 6.67 -12.22
C LYS B 64 17.34 5.41 -11.83
N ARG B 65 16.02 5.37 -12.10
CA ARG B 65 15.23 4.20 -11.77
C ARG B 65 15.73 2.98 -12.51
N VAL B 66 15.92 3.10 -13.83
CA VAL B 66 16.35 1.90 -14.56
C VAL B 66 17.78 1.51 -14.16
N LYS B 67 18.62 2.49 -13.79
CA LYS B 67 19.94 2.15 -13.28
C LYS B 67 19.84 1.36 -11.98
N TYR B 68 18.99 1.82 -11.05
CA TYR B 68 18.75 1.09 -9.82
C TYR B 68 18.25 -0.32 -10.08
N ASP B 69 17.43 -0.48 -11.11
CA ASP B 69 16.89 -1.79 -11.44
C ASP B 69 17.92 -2.78 -11.95
N LEU B 70 19.07 -2.31 -12.45
CA LEU B 70 20.09 -3.18 -13.03
C LEU B 70 20.64 -4.14 -11.96
#